data_2ITF
#
_entry.id   2ITF
#
_cell.length_a   56.089
_cell.length_b   58.533
_cell.length_c   95.584
_cell.angle_alpha   90.00
_cell.angle_beta   93.28
_cell.angle_gamma   90.00
#
_symmetry.space_group_name_H-M   'P 1 21 1'
#
loop_
_entity.id
_entity.type
_entity.pdbx_description
1 polymer 'Iron-regulated surface determinant protein A'
2 non-polymer 'PROTOPORPHYRIN IX CONTAINING FE'
3 water water
#
_entity_poly.entity_id   1
_entity_poly.type   'polypeptide(L)'
_entity_poly.pdbx_seq_one_letter_code
;GSH(MSE)SQATSQPINFQVQKDGSSEKSH(MSE)DDY(MSE)QHPGKVIKQNNKYYFQTVLNNASFWKEYKFYNANNQE
LATTVVNDNKKADTRTINVAVEPGYKSLTTKVHIVVPQINYNHRYTTHLEFEKAIPTLA
;
_entity_poly.pdbx_strand_id   A,B,C,D
#
loop_
_chem_comp.id
_chem_comp.type
_chem_comp.name
_chem_comp.formula
HEM non-polymer 'PROTOPORPHYRIN IX CONTAINING FE' 'C34 H32 Fe N4 O4'
#
# COMPACT_ATOMS: atom_id res chain seq x y z
N ALA A 7 8.20 31.46 -23.67
CA ALA A 7 7.81 30.02 -23.57
C ALA A 7 6.31 29.85 -23.54
N THR A 8 5.81 28.95 -24.37
CA THR A 8 4.41 28.55 -24.35
C THR A 8 4.35 27.03 -24.25
N SER A 9 3.22 26.53 -23.78
CA SER A 9 3.04 25.09 -23.58
C SER A 9 1.61 24.61 -23.83
N GLN A 10 1.45 23.31 -23.98
CA GLN A 10 0.15 22.66 -24.05
C GLN A 10 0.28 21.30 -23.38
N PRO A 11 -0.77 20.85 -22.72
CA PRO A 11 -0.74 19.47 -22.22
C PRO A 11 -0.73 18.49 -23.40
N ILE A 12 -0.12 17.34 -23.18
CA ILE A 12 -0.11 16.29 -24.18
C ILE A 12 -0.33 14.93 -23.51
N ASN A 13 -1.15 14.09 -24.14
CA ASN A 13 -1.39 12.74 -23.65
C ASN A 13 -0.32 11.82 -24.20
N PHE A 14 0.05 10.81 -23.41
CA PHE A 14 1.04 9.83 -23.85
C PHE A 14 0.84 8.52 -23.06
N GLN A 15 1.41 7.44 -23.59
CA GLN A 15 1.41 6.16 -22.86
C GLN A 15 2.70 5.46 -23.12
N VAL A 16 3.36 5.06 -22.04
CA VAL A 16 4.53 4.20 -22.13
C VAL A 16 4.05 2.76 -22.29
N GLN A 17 4.63 2.12 -23.31
CA GLN A 17 4.29 0.77 -23.70
C GLN A 17 5.47 -0.20 -23.57
N LYS A 18 5.16 -1.46 -23.34
CA LYS A 18 6.17 -2.50 -23.15
C LYS A 18 7.00 -2.70 -24.41
N ASP A 19 8.28 -3.03 -24.24
CA ASP A 19 9.16 -3.32 -25.37
C ASP A 19 8.53 -4.39 -26.25
N GLY A 20 8.46 -4.13 -27.56
CA GLY A 20 7.96 -5.11 -28.54
C GLY A 20 6.47 -5.41 -28.45
N SER A 21 5.71 -4.46 -27.89
CA SER A 21 4.28 -4.66 -27.58
C SER A 21 3.55 -3.32 -27.58
N SER A 22 2.23 -3.34 -27.76
CA SER A 22 1.45 -2.11 -27.56
C SER A 22 0.79 -2.02 -26.17
N GLU A 23 1.03 -3.03 -25.32
CA GLU A 23 0.49 -3.04 -23.97
C GLU A 23 1.14 -1.94 -23.17
N LYS A 24 0.35 -1.31 -22.31
CA LYS A 24 0.80 -0.38 -21.32
C LYS A 24 1.91 -0.99 -20.46
N SER A 25 3.00 -0.24 -20.30
CA SER A 25 4.10 -0.59 -19.44
C SER A 25 3.86 -0.18 -17.99
N HIS A 26 4.43 -0.94 -17.06
CA HIS A 26 4.52 -0.48 -15.67
C HIS A 26 5.06 0.93 -15.58
N MSE A 27 5.99 1.27 -16.46
CA MSE A 27 6.62 2.57 -16.45
C MSE A 27 5.61 3.69 -16.64
O MSE A 27 5.79 4.79 -16.09
CB MSE A 27 7.74 2.68 -17.49
CG MSE A 27 8.34 4.10 -17.62
SE MSE A 27 9.95 3.95 -18.66
CE MSE A 27 10.14 5.81 -19.19
N ASP A 28 4.55 3.40 -17.41
CA ASP A 28 3.51 4.40 -17.62
C ASP A 28 2.91 4.82 -16.27
N ASP A 29 2.84 3.90 -15.30
CA ASP A 29 2.26 4.17 -13.97
C ASP A 29 3.06 5.16 -13.13
N TYR A 30 4.35 5.32 -13.46
CA TYR A 30 5.27 6.16 -12.69
C TYR A 30 5.60 7.51 -13.32
N MSE A 31 4.81 7.90 -14.31
CA MSE A 31 4.92 9.24 -14.90
C MSE A 31 3.54 9.88 -14.81
O MSE A 31 2.52 9.18 -14.95
CB MSE A 31 5.38 9.19 -16.37
CG MSE A 31 6.73 8.46 -16.56
SE MSE A 31 7.28 8.27 -18.40
CE MSE A 31 8.31 9.89 -18.52
N GLN A 32 3.50 11.18 -14.62
CA GLN A 32 2.21 11.84 -14.43
C GLN A 32 1.61 12.11 -15.80
N HIS A 33 0.27 12.07 -15.84
CA HIS A 33 -0.51 12.25 -17.05
C HIS A 33 -1.51 13.40 -16.87
N PRO A 34 -1.64 14.30 -17.87
CA PRO A 34 -0.88 14.38 -19.13
C PRO A 34 0.49 14.99 -18.89
N GLY A 35 1.37 14.87 -19.88
CA GLY A 35 2.60 15.63 -19.84
C GLY A 35 2.35 16.99 -20.48
N LYS A 36 3.42 17.64 -20.88
CA LYS A 36 3.35 19.00 -21.36
C LYS A 36 4.32 19.08 -22.53
N VAL A 37 3.96 19.82 -23.58
CA VAL A 37 4.94 20.17 -24.59
C VAL A 37 5.26 21.65 -24.38
N ILE A 38 6.54 22.00 -24.39
CA ILE A 38 6.97 23.38 -24.23
C ILE A 38 7.78 23.85 -25.43
N LYS A 39 7.51 25.06 -25.88
CA LYS A 39 8.29 25.69 -26.92
C LYS A 39 8.91 26.94 -26.34
N GLN A 40 10.23 27.05 -26.47
CA GLN A 40 10.99 28.23 -26.04
C GLN A 40 12.19 28.45 -26.95
N ASN A 41 12.31 29.62 -27.57
CA ASN A 41 13.52 29.97 -28.35
C ASN A 41 13.90 28.96 -29.46
N ASN A 42 12.92 28.54 -30.25
CA ASN A 42 13.13 27.55 -31.33
C ASN A 42 13.38 26.11 -30.88
N LYS A 43 13.26 25.86 -29.58
CA LYS A 43 13.47 24.53 -29.01
C LYS A 43 12.20 23.98 -28.37
N TYR A 44 11.95 22.67 -28.57
CA TYR A 44 10.80 21.99 -27.96
C TYR A 44 11.25 21.01 -26.86
N TYR A 45 10.39 20.84 -25.85
CA TYR A 45 10.66 19.88 -24.77
C TYR A 45 9.38 19.16 -24.46
N PHE A 46 9.50 17.87 -24.18
CA PHE A 46 8.44 17.15 -23.52
C PHE A 46 8.76 17.25 -22.02
N GLN A 47 7.90 17.92 -21.27
CA GLN A 47 8.07 18.02 -19.82
C GLN A 47 7.17 17.02 -19.11
N THR A 48 7.78 16.25 -18.22
CA THR A 48 7.07 15.16 -17.59
C THR A 48 7.52 15.03 -16.13
N VAL A 49 6.64 14.52 -15.28
CA VAL A 49 6.95 14.35 -13.88
C VAL A 49 7.09 12.86 -13.59
N LEU A 50 8.25 12.46 -13.08
CA LEU A 50 8.48 11.09 -12.65
C LEU A 50 7.95 10.95 -11.22
N ASN A 51 7.04 10.01 -11.01
CA ASN A 51 6.64 9.58 -9.66
C ASN A 51 7.64 8.63 -9.02
N ASN A 52 7.74 8.70 -7.69
CA ASN A 52 8.69 7.88 -6.95
C ASN A 52 10.07 7.96 -7.58
N ALA A 53 10.57 9.18 -7.70
CA ALA A 53 11.78 9.49 -8.47
C ALA A 53 12.99 8.72 -7.95
N SER A 54 13.00 8.45 -6.65
CA SER A 54 14.09 7.70 -5.99
C SER A 54 14.27 6.28 -6.54
N PHE A 55 13.21 5.71 -7.10
CA PHE A 55 13.29 4.40 -7.80
C PHE A 55 14.05 4.46 -9.12
N TRP A 56 14.11 5.65 -9.72
CA TRP A 56 14.66 5.76 -11.06
C TRP A 56 16.14 6.04 -11.00
N LYS A 57 16.96 4.98 -11.00
CA LYS A 57 18.42 5.16 -10.90
C LYS A 57 19.07 5.72 -12.16
N GLU A 58 18.51 5.39 -13.31
CA GLU A 58 19.01 5.88 -14.59
C GLU A 58 17.84 5.96 -15.54
N TYR A 59 17.81 7.00 -16.36
CA TYR A 59 16.85 7.04 -17.45
C TYR A 59 17.47 7.76 -18.63
N LYS A 60 17.32 7.18 -19.81
CA LYS A 60 17.78 7.82 -21.02
C LYS A 60 16.68 7.71 -22.07
N PHE A 61 16.57 8.73 -22.91
CA PHE A 61 15.52 8.78 -23.93
C PHE A 61 16.14 8.89 -25.30
N TYR A 62 15.48 8.30 -26.31
CA TYR A 62 16.02 8.25 -27.66
C TYR A 62 14.90 8.51 -28.63
N ASN A 63 15.23 9.16 -29.74
CA ASN A 63 14.25 9.28 -30.80
C ASN A 63 14.25 8.01 -31.65
N ALA A 64 13.36 8.01 -32.63
CA ALA A 64 13.19 6.91 -33.58
C ALA A 64 14.46 6.57 -34.36
N ASN A 65 15.39 7.52 -34.44
CA ASN A 65 16.68 7.30 -35.08
C ASN A 65 17.76 6.84 -34.11
N ASN A 66 17.32 6.44 -32.91
CA ASN A 66 18.18 6.07 -31.78
C ASN A 66 19.27 7.07 -31.40
N GLN A 67 18.94 8.35 -31.59
CA GLN A 67 19.77 9.42 -31.11
C GLN A 67 19.30 9.75 -29.71
N GLU A 68 20.24 9.82 -28.77
CA GLU A 68 19.90 10.18 -27.41
C GLU A 68 19.41 11.60 -27.34
N LEU A 69 18.32 11.81 -26.60
CA LEU A 69 17.72 13.12 -26.41
C LEU A 69 18.17 13.67 -25.08
N ALA A 70 18.51 14.95 -25.06
CA ALA A 70 19.03 15.59 -23.86
C ALA A 70 17.92 15.75 -22.85
N THR A 71 18.21 15.39 -21.60
CA THR A 71 17.22 15.54 -20.54
C THR A 71 17.81 16.40 -19.46
N THR A 72 16.98 17.24 -18.84
CA THR A 72 17.44 18.14 -17.80
C THR A 72 16.46 18.07 -16.63
N VAL A 73 16.95 18.29 -15.43
CA VAL A 73 16.09 18.35 -14.27
C VAL A 73 15.55 19.77 -14.15
N VAL A 74 14.22 19.86 -14.16
CA VAL A 74 13.49 21.12 -13.95
C VAL A 74 13.32 21.34 -12.45
N ASN A 75 12.94 20.29 -11.73
CA ASN A 75 12.89 20.33 -10.25
C ASN A 75 13.00 18.93 -9.67
N ASP A 76 13.60 18.84 -8.50
CA ASP A 76 13.74 17.56 -7.80
C ASP A 76 13.14 17.73 -6.41
N ASN A 77 12.02 17.06 -6.17
CA ASN A 77 11.22 17.32 -4.98
C ASN A 77 11.31 16.11 -4.08
N LYS A 78 12.20 16.18 -3.12
CA LYS A 78 12.62 14.99 -2.38
C LYS A 78 11.54 14.47 -1.45
N LYS A 79 10.78 15.40 -0.87
CA LYS A 79 9.69 15.10 0.06
C LYS A 79 8.51 14.39 -0.65
N ALA A 80 8.11 14.94 -1.79
CA ALA A 80 7.07 14.30 -2.59
C ALA A 80 7.62 13.11 -3.34
N ASP A 81 8.96 13.01 -3.40
CA ASP A 81 9.68 12.01 -4.18
C ASP A 81 9.23 12.07 -5.65
N THR A 82 9.27 13.27 -6.24
CA THR A 82 8.98 13.43 -7.65
C THR A 82 10.12 14.20 -8.32
N ARG A 83 10.17 14.17 -9.63
CA ARG A 83 11.16 14.97 -10.34
C ARG A 83 10.59 15.39 -11.68
N THR A 84 10.61 16.68 -11.95
CA THR A 84 10.18 17.18 -13.26
C THR A 84 11.40 17.21 -14.18
N ILE A 85 11.27 16.62 -15.36
CA ILE A 85 12.32 16.63 -16.34
C ILE A 85 11.83 17.17 -17.68
N ASN A 86 12.78 17.75 -18.45
CA ASN A 86 12.55 18.09 -19.85
C ASN A 86 13.32 17.13 -20.74
N VAL A 87 12.66 16.59 -21.75
CA VAL A 87 13.29 15.73 -22.75
C VAL A 87 13.23 16.52 -24.05
N ALA A 88 14.38 16.76 -24.67
CA ALA A 88 14.41 17.50 -25.92
C ALA A 88 13.64 16.71 -26.97
N VAL A 89 12.73 17.39 -27.67
CA VAL A 89 11.98 16.77 -28.75
C VAL A 89 11.87 17.81 -29.88
N GLU A 90 11.17 17.41 -30.94
CA GLU A 90 10.85 18.31 -32.05
C GLU A 90 9.38 18.13 -32.43
N PRO A 91 8.75 19.16 -33.07
CA PRO A 91 7.40 18.92 -33.62
C PRO A 91 7.35 17.67 -34.50
N GLY A 92 6.26 16.91 -34.42
CA GLY A 92 6.14 15.69 -35.23
C GLY A 92 6.66 14.42 -34.58
N TYR A 93 7.39 14.53 -33.48
CA TYR A 93 7.82 13.31 -32.78
C TYR A 93 6.59 12.52 -32.36
N LYS A 94 6.62 11.20 -32.51
CA LYS A 94 5.47 10.35 -32.22
C LYS A 94 5.83 9.36 -31.10
N SER A 95 7.07 8.86 -31.12
CA SER A 95 7.52 7.75 -30.27
C SER A 95 8.94 7.96 -29.79
N LEU A 96 9.16 7.76 -28.48
CA LEU A 96 10.51 7.80 -27.89
C LEU A 96 10.85 6.42 -27.35
N THR A 97 12.11 6.01 -27.50
CA THR A 97 12.60 4.81 -26.82
C THR A 97 13.20 5.24 -25.48
N THR A 98 12.97 4.48 -24.42
CA THR A 98 13.54 4.86 -23.13
C THR A 98 14.26 3.67 -22.57
N LYS A 99 15.34 3.92 -21.85
CA LYS A 99 16.10 2.85 -21.25
C LYS A 99 16.32 3.27 -19.81
N VAL A 100 15.88 2.42 -18.90
CA VAL A 100 15.80 2.81 -17.50
C VAL A 100 16.35 1.72 -16.60
N HIS A 101 16.83 2.13 -15.43
CA HIS A 101 17.33 1.22 -14.40
C HIS A 101 16.56 1.58 -13.13
N ILE A 102 15.76 0.63 -12.66
CA ILE A 102 14.77 0.82 -11.61
C ILE A 102 15.19 -0.01 -10.39
N VAL A 103 15.29 0.65 -9.25
CA VAL A 103 15.72 -0.01 -8.02
C VAL A 103 14.72 0.30 -6.92
N VAL A 104 14.07 -0.75 -6.44
CA VAL A 104 13.11 -0.62 -5.35
C VAL A 104 13.61 -1.47 -4.18
N PRO A 105 14.41 -0.87 -3.28
CA PRO A 105 15.12 -1.71 -2.29
C PRO A 105 14.21 -2.50 -1.34
N GLN A 106 13.04 -1.95 -1.01
CA GLN A 106 12.13 -2.59 -0.07
C GLN A 106 11.52 -3.91 -0.60
N ILE A 107 11.59 -4.14 -1.91
CA ILE A 107 11.16 -5.43 -2.45
C ILE A 107 12.28 -6.16 -3.17
N ASN A 108 13.53 -5.82 -2.84
CA ASN A 108 14.71 -6.45 -3.41
C ASN A 108 14.69 -6.49 -4.95
N TYR A 109 14.41 -5.33 -5.54
CA TYR A 109 14.07 -5.20 -6.94
C TYR A 109 15.15 -4.36 -7.55
N ASN A 110 15.77 -4.88 -8.59
CA ASN A 110 16.86 -4.15 -9.22
C ASN A 110 16.91 -4.64 -10.66
N HIS A 111 16.30 -3.88 -11.56
CA HIS A 111 16.14 -4.32 -12.96
C HIS A 111 16.34 -3.16 -13.94
N ARG A 112 16.75 -3.54 -15.15
CA ARG A 112 16.92 -2.62 -16.28
C ARG A 112 15.89 -2.98 -17.35
N TYR A 113 15.37 -1.96 -18.02
CA TYR A 113 14.33 -2.15 -19.00
C TYR A 113 14.53 -1.20 -20.17
N THR A 114 13.92 -1.57 -21.31
CA THR A 114 13.66 -0.66 -22.42
C THR A 114 12.12 -0.61 -22.62
N THR A 115 11.60 0.58 -22.92
CA THR A 115 10.18 0.77 -23.24
C THR A 115 10.10 1.77 -24.38
N HIS A 116 8.90 1.98 -24.90
CA HIS A 116 8.69 3.02 -25.89
C HIS A 116 7.52 3.91 -25.44
N LEU A 117 7.76 5.21 -25.44
CA LEU A 117 6.76 6.16 -24.96
C LEU A 117 6.04 6.68 -26.21
N GLU A 118 4.72 6.56 -26.21
CA GLU A 118 3.95 6.86 -27.39
C GLU A 118 3.12 8.11 -27.14
N PHE A 119 3.36 9.17 -27.88
CA PHE A 119 2.53 10.36 -27.71
C PHE A 119 1.20 10.05 -28.35
N GLU A 120 0.11 10.57 -27.79
CA GLU A 120 -1.22 10.22 -28.34
C GLU A 120 -1.31 10.74 -29.78
N LYS A 121 -0.83 11.97 -29.96
CA LYS A 121 -0.72 12.57 -31.28
C LYS A 121 0.73 13.00 -31.45
N ALA A 122 1.20 13.10 -32.69
CA ALA A 122 2.52 13.70 -32.93
C ALA A 122 2.64 15.01 -32.15
N ILE A 123 3.85 15.29 -31.66
CA ILE A 123 4.14 16.55 -31.00
C ILE A 123 3.75 17.69 -31.94
N PRO A 124 2.84 18.58 -31.49
CA PRO A 124 2.33 19.60 -32.37
C PRO A 124 3.27 20.80 -32.48
N THR A 125 3.07 21.57 -33.54
CA THR A 125 3.70 22.85 -33.67
C THR A 125 2.88 23.87 -32.89
N LEU A 126 3.52 24.46 -31.90
CA LEU A 126 2.84 25.34 -30.98
C LEU A 126 2.60 26.72 -31.57
N ALA A 127 3.53 27.65 -31.37
CA ALA A 127 3.23 29.08 -31.60
C ALA A 127 4.11 29.99 -30.75
N ALA B 7 5.05 -40.77 16.64
CA ALA B 7 4.17 -41.02 17.82
C ALA B 7 4.27 -39.89 18.84
N THR B 8 5.47 -39.54 19.29
CA THR B 8 5.62 -38.51 20.34
C THR B 8 6.22 -37.21 19.80
N SER B 9 5.96 -36.10 20.50
CA SER B 9 6.39 -34.79 20.03
C SER B 9 6.60 -33.78 21.15
N GLN B 10 7.31 -32.70 20.82
CA GLN B 10 7.37 -31.52 21.65
C GLN B 10 7.73 -30.25 20.87
N PRO B 11 7.19 -29.10 21.30
CA PRO B 11 7.46 -27.85 20.62
C PRO B 11 8.94 -27.49 20.74
N ILE B 12 9.53 -26.91 19.69
CA ILE B 12 10.87 -26.37 19.81
C ILE B 12 10.91 -24.96 19.20
N ASN B 13 11.57 -24.03 19.89
CA ASN B 13 11.82 -22.71 19.34
C ASN B 13 13.02 -22.72 18.42
N PHE B 14 13.04 -21.79 17.47
CA PHE B 14 14.10 -21.73 16.49
C PHE B 14 14.05 -20.34 15.88
N GLN B 15 15.17 -19.94 15.27
CA GLN B 15 15.21 -18.72 14.50
C GLN B 15 16.08 -18.92 13.31
N VAL B 16 15.59 -18.48 12.16
CA VAL B 16 16.37 -18.47 10.95
C VAL B 16 17.19 -17.19 10.89
N GLN B 17 18.48 -17.36 10.65
CA GLN B 17 19.41 -16.25 10.65
C GLN B 17 20.12 -16.08 9.31
N LYS B 18 20.61 -14.88 9.05
CA LYS B 18 21.21 -14.58 7.75
C LYS B 18 22.53 -15.32 7.59
N ASP B 19 22.88 -15.62 6.36
CA ASP B 19 24.17 -16.23 6.05
C ASP B 19 25.31 -15.35 6.57
N GLY B 20 26.19 -15.93 7.38
CA GLY B 20 27.38 -15.24 7.90
C GLY B 20 27.21 -14.37 9.12
N SER B 21 26.01 -14.32 9.69
CA SER B 21 25.79 -13.51 10.91
C SER B 21 24.75 -14.16 11.76
N SER B 22 24.44 -13.57 12.91
CA SER B 22 23.36 -14.08 13.75
C SER B 22 22.11 -13.19 13.69
N GLU B 23 22.09 -12.27 12.72
CA GLU B 23 20.91 -11.44 12.51
C GLU B 23 19.74 -12.31 12.09
N LYS B 24 18.56 -12.02 12.60
CA LYS B 24 17.34 -12.64 12.10
C LYS B 24 17.18 -12.49 10.58
N SER B 25 16.84 -13.58 9.91
CA SER B 25 16.62 -13.60 8.47
C SER B 25 15.18 -13.25 8.10
N HIS B 26 15.00 -12.69 6.90
CA HIS B 26 13.65 -12.54 6.33
C HIS B 26 12.91 -13.87 6.34
N MSE B 27 13.66 -14.96 6.18
CA MSE B 27 13.05 -16.29 6.09
C MSE B 27 12.33 -16.66 7.37
O MSE B 27 11.33 -17.42 7.34
CB MSE B 27 14.10 -17.35 5.73
CG MSE B 27 13.58 -18.77 5.81
SE MSE B 27 14.89 -19.88 4.85
CE MSE B 27 14.37 -21.59 5.54
N ASP B 28 12.82 -16.16 8.52
CA ASP B 28 12.19 -16.45 9.83
C ASP B 28 10.72 -16.00 9.86
N ASP B 29 10.41 -14.94 9.13
CA ASP B 29 9.04 -14.41 9.12
C ASP B 29 8.07 -15.31 8.35
N TYR B 30 8.59 -16.22 7.52
CA TYR B 30 7.74 -17.06 6.70
C TYR B 30 7.63 -18.47 7.19
N MSE B 31 7.97 -18.65 8.46
CA MSE B 31 7.85 -19.94 9.13
C MSE B 31 7.13 -19.72 10.44
O MSE B 31 7.31 -18.70 11.08
CB MSE B 31 9.22 -20.55 9.36
CG MSE B 31 9.99 -20.80 8.07
SE MSE B 31 11.73 -21.66 8.40
CE MSE B 31 11.19 -23.49 8.45
N GLN B 32 6.28 -20.67 10.81
CA GLN B 32 5.53 -20.54 12.06
C GLN B 32 6.40 -20.91 13.23
N HIS B 33 6.17 -20.23 14.34
CA HIS B 33 6.88 -20.47 15.60
C HIS B 33 5.88 -20.77 16.73
N PRO B 34 6.19 -21.75 17.59
CA PRO B 34 7.37 -22.63 17.53
C PRO B 34 7.21 -23.75 16.49
N GLY B 35 8.27 -24.51 16.26
CA GLY B 35 8.16 -25.73 15.47
C GLY B 35 7.89 -26.91 16.39
N LYS B 36 8.12 -28.12 15.88
CA LYS B 36 7.89 -29.31 16.68
C LYS B 36 9.01 -30.31 16.39
N VAL B 37 9.42 -31.03 17.43
CA VAL B 37 10.26 -32.23 17.26
C VAL B 37 9.31 -33.40 17.38
N ILE B 38 9.41 -34.33 16.45
CA ILE B 38 8.57 -35.52 16.43
C ILE B 38 9.46 -36.76 16.34
N LYS B 39 9.07 -37.80 17.08
CA LYS B 39 9.71 -39.11 17.02
C LYS B 39 8.67 -40.12 16.56
N GLN B 40 8.93 -40.74 15.42
CA GLN B 40 8.01 -41.63 14.75
C GLN B 40 8.83 -42.86 14.34
N ASN B 41 8.59 -43.97 15.03
CA ASN B 41 9.36 -45.22 14.89
C ASN B 41 10.88 -45.12 14.94
N ASN B 42 11.36 -44.59 16.06
CA ASN B 42 12.78 -44.38 16.33
C ASN B 42 13.48 -43.47 15.32
N LYS B 43 12.69 -42.66 14.59
CA LYS B 43 13.22 -41.63 13.69
C LYS B 43 12.73 -40.26 14.15
N TYR B 44 13.57 -39.25 13.99
CA TYR B 44 13.26 -37.90 14.47
C TYR B 44 13.07 -36.93 13.30
N TYR B 45 12.16 -35.99 13.47
CA TYR B 45 11.83 -35.00 12.45
C TYR B 45 11.65 -33.65 13.12
N PHE B 46 12.08 -32.60 12.43
CA PHE B 46 11.68 -31.25 12.77
C PHE B 46 10.47 -30.92 11.89
N GLN B 47 9.32 -30.70 12.52
CA GLN B 47 8.09 -30.38 11.78
C GLN B 47 7.85 -28.90 11.86
N THR B 48 7.68 -28.29 10.70
CA THR B 48 7.62 -26.83 10.61
C THR B 48 6.61 -26.42 9.53
N VAL B 49 6.02 -25.24 9.68
CA VAL B 49 5.01 -24.78 8.72
C VAL B 49 5.55 -23.57 7.96
N LEU B 50 5.55 -23.66 6.64
CA LEU B 50 5.94 -22.55 5.79
C LEU B 50 4.69 -21.74 5.44
N ASN B 51 4.73 -20.45 5.78
CA ASN B 51 3.73 -19.44 5.38
C ASN B 51 3.97 -18.96 3.97
N ASN B 52 2.90 -18.49 3.33
CA ASN B 52 2.99 -18.06 1.92
C ASN B 52 3.70 -19.14 1.10
N ALA B 53 3.27 -20.40 1.31
CA ALA B 53 3.94 -21.56 0.74
C ALA B 53 4.13 -21.47 -0.76
N SER B 54 3.15 -20.84 -1.44
CA SER B 54 3.28 -20.57 -2.88
C SER B 54 4.55 -19.81 -3.31
N PHE B 55 5.18 -19.05 -2.40
CA PHE B 55 6.41 -18.30 -2.72
C PHE B 55 7.67 -19.19 -2.67
N TRP B 56 7.58 -20.31 -1.98
CA TRP B 56 8.75 -21.14 -1.75
C TRP B 56 8.87 -22.11 -2.90
N LYS B 57 9.62 -21.75 -3.95
CA LYS B 57 9.74 -22.63 -5.11
C LYS B 57 10.62 -23.87 -4.82
N GLU B 58 11.61 -23.71 -3.96
CA GLU B 58 12.48 -24.83 -3.59
C GLU B 58 13.06 -24.55 -2.21
N TYR B 59 13.27 -25.61 -1.43
CA TYR B 59 13.94 -25.51 -0.14
C TYR B 59 14.73 -26.79 0.08
N LYS B 60 15.94 -26.65 0.60
CA LYS B 60 16.78 -27.80 0.95
C LYS B 60 17.37 -27.51 2.32
N PHE B 61 17.48 -28.55 3.16
CA PHE B 61 18.05 -28.40 4.50
C PHE B 61 19.25 -29.33 4.64
N TYR B 62 20.27 -28.88 5.37
CA TYR B 62 21.52 -29.61 5.57
C TYR B 62 21.88 -29.62 7.04
N ASN B 63 22.39 -30.74 7.55
CA ASN B 63 22.93 -30.75 8.90
C ASN B 63 24.36 -30.14 8.95
N ALA B 64 24.93 -30.12 10.14
CA ALA B 64 26.25 -29.50 10.35
C ALA B 64 27.34 -30.34 9.70
N ASN B 65 27.03 -31.60 9.38
CA ASN B 65 27.98 -32.49 8.70
C ASN B 65 27.86 -32.34 7.17
N ASN B 66 27.17 -31.29 6.72
CA ASN B 66 26.98 -30.97 5.28
C ASN B 66 26.08 -31.93 4.50
N GLN B 67 25.32 -32.78 5.19
CA GLN B 67 24.46 -33.72 4.51
C GLN B 67 23.09 -33.13 4.28
N GLU B 68 22.54 -33.38 3.09
CA GLU B 68 21.16 -32.92 2.81
C GLU B 68 20.17 -33.77 3.59
N LEU B 69 19.21 -33.11 4.23
CA LEU B 69 18.20 -33.79 5.04
C LEU B 69 16.93 -34.06 4.23
N ALA B 70 16.35 -35.25 4.40
CA ALA B 70 15.14 -35.57 3.68
C ALA B 70 13.99 -34.73 4.24
N THR B 71 13.18 -34.16 3.34
CA THR B 71 11.96 -33.47 3.77
C THR B 71 10.76 -34.17 3.16
N THR B 72 9.63 -34.15 3.87
CA THR B 72 8.40 -34.69 3.30
C THR B 72 7.25 -33.72 3.62
N VAL B 73 6.30 -33.60 2.71
CA VAL B 73 5.13 -32.74 2.94
C VAL B 73 4.11 -33.50 3.81
N VAL B 74 3.74 -32.89 4.93
CA VAL B 74 2.75 -33.42 5.84
C VAL B 74 1.36 -32.90 5.45
N ASN B 75 1.28 -31.64 5.06
CA ASN B 75 0.00 -31.02 4.72
C ASN B 75 0.24 -29.77 3.90
N ASP B 76 -0.55 -29.62 2.83
CA ASP B 76 -0.63 -28.40 2.05
C ASP B 76 -1.99 -27.79 2.36
N ASN B 77 -2.00 -26.65 3.03
CA ASN B 77 -3.26 -25.96 3.26
C ASN B 77 -3.34 -24.85 2.23
N LYS B 78 -4.08 -25.12 1.17
CA LYS B 78 -4.15 -24.24 0.02
C LYS B 78 -4.93 -22.97 0.30
N LYS B 79 -5.93 -23.09 1.15
CA LYS B 79 -6.77 -21.97 1.55
C LYS B 79 -5.94 -20.96 2.35
N ALA B 80 -5.10 -21.46 3.27
CA ALA B 80 -4.25 -20.61 4.12
C ALA B 80 -2.87 -20.33 3.52
N ASP B 81 -2.61 -20.91 2.34
CA ASP B 81 -1.31 -20.87 1.66
C ASP B 81 -0.18 -21.25 2.61
N THR B 82 -0.36 -22.40 3.30
CA THR B 82 0.70 -22.94 4.16
C THR B 82 1.04 -24.37 3.74
N ARG B 83 2.26 -24.77 4.06
CA ARG B 83 2.74 -26.12 3.84
C ARG B 83 3.45 -26.59 5.08
N THR B 84 2.96 -27.68 5.64
CA THR B 84 3.61 -28.34 6.77
C THR B 84 4.58 -29.40 6.24
N ILE B 85 5.84 -29.33 6.69
CA ILE B 85 6.84 -30.33 6.30
C ILE B 85 7.55 -30.95 7.49
N ASN B 86 8.08 -32.16 7.26
CA ASN B 86 8.93 -32.84 8.21
C ASN B 86 10.34 -32.79 7.64
N VAL B 87 11.32 -32.42 8.46
CA VAL B 87 12.72 -32.45 8.01
C VAL B 87 13.43 -33.49 8.88
N ALA B 88 14.10 -34.45 8.25
CA ALA B 88 14.82 -35.49 9.00
C ALA B 88 15.92 -34.89 9.85
N VAL B 89 15.89 -35.19 11.15
CA VAL B 89 16.91 -34.70 12.06
C VAL B 89 17.43 -35.86 12.97
N GLU B 90 18.38 -35.54 13.83
CA GLU B 90 18.87 -36.47 14.86
C GLU B 90 18.96 -35.71 16.18
N PRO B 91 18.83 -36.40 17.33
CA PRO B 91 19.13 -35.74 18.58
C PRO B 91 20.50 -35.12 18.56
N GLY B 92 20.61 -33.92 19.08
CA GLY B 92 21.88 -33.21 19.20
C GLY B 92 22.06 -32.07 18.21
N TYR B 93 21.31 -32.11 17.10
CA TYR B 93 21.37 -31.03 16.09
C TYR B 93 21.05 -29.68 16.75
N LYS B 94 21.88 -28.67 16.47
CA LYS B 94 21.60 -27.31 16.94
C LYS B 94 21.29 -26.38 15.77
N SER B 95 21.89 -26.69 14.61
CA SER B 95 21.85 -25.79 13.46
C SER B 95 21.57 -26.56 12.17
N LEU B 96 20.75 -25.99 11.30
CA LEU B 96 20.61 -26.50 9.94
C LEU B 96 20.98 -25.39 8.96
N THR B 97 21.64 -25.72 7.86
CA THR B 97 21.84 -24.71 6.80
C THR B 97 20.69 -24.92 5.86
N THR B 98 20.15 -23.84 5.27
CA THR B 98 19.10 -24.03 4.28
C THR B 98 19.49 -23.30 3.00
N LYS B 99 18.97 -23.81 1.88
CA LYS B 99 19.12 -23.14 0.60
C LYS B 99 17.73 -23.10 0.03
N VAL B 100 17.30 -21.90 -0.34
CA VAL B 100 15.92 -21.69 -0.80
C VAL B 100 15.90 -20.89 -2.10
N HIS B 101 14.86 -21.11 -2.87
CA HIS B 101 14.60 -20.39 -4.09
C HIS B 101 13.21 -19.79 -3.91
N ILE B 102 13.18 -18.45 -3.81
CA ILE B 102 11.93 -17.72 -3.46
C ILE B 102 11.50 -16.89 -4.67
N VAL B 103 10.23 -17.05 -5.05
CA VAL B 103 9.64 -16.40 -6.22
C VAL B 103 8.34 -15.71 -5.83
N VAL B 104 8.33 -14.38 -5.97
CA VAL B 104 7.13 -13.59 -5.68
C VAL B 104 6.75 -12.78 -6.94
N PRO B 105 5.95 -13.38 -7.84
CA PRO B 105 5.70 -12.87 -9.18
C PRO B 105 5.18 -11.43 -9.20
N GLN B 106 4.32 -11.06 -8.26
CA GLN B 106 3.73 -9.72 -8.26
C GLN B 106 4.73 -8.55 -7.97
N ILE B 107 5.93 -8.90 -7.48
CA ILE B 107 6.95 -7.89 -7.23
C ILE B 107 8.23 -8.16 -8.04
N ASN B 108 8.10 -8.98 -9.08
CA ASN B 108 9.19 -9.30 -10.00
C ASN B 108 10.41 -9.81 -9.20
N TYR B 109 10.14 -10.69 -8.22
CA TYR B 109 11.13 -11.18 -7.24
C TYR B 109 11.43 -12.66 -7.53
N ASN B 110 12.71 -12.95 -7.73
CA ASN B 110 13.14 -14.30 -8.04
C ASN B 110 14.55 -14.44 -7.50
N HIS B 111 14.69 -14.99 -6.31
CA HIS B 111 15.98 -14.94 -5.62
C HIS B 111 16.31 -16.27 -4.98
N ARG B 112 17.61 -16.59 -4.89
CA ARG B 112 18.10 -17.75 -4.14
C ARG B 112 18.96 -17.30 -2.98
N TYR B 113 18.84 -17.99 -1.85
CA TYR B 113 19.53 -17.57 -0.63
C TYR B 113 20.03 -18.77 0.15
N THR B 114 20.95 -18.51 1.06
CA THR B 114 21.39 -19.50 2.04
C THR B 114 21.13 -18.87 3.39
N THR B 115 20.64 -19.65 4.34
CA THR B 115 20.42 -19.17 5.70
C THR B 115 20.81 -20.27 6.65
N HIS B 116 20.78 -19.99 7.95
CA HIS B 116 20.95 -21.06 8.92
C HIS B 116 19.84 -21.03 9.94
N LEU B 117 19.25 -22.18 10.19
CA LEU B 117 18.15 -22.27 11.14
C LEU B 117 18.71 -22.73 12.48
N GLU B 118 18.60 -21.88 13.50
CA GLU B 118 19.20 -22.20 14.79
C GLU B 118 18.13 -22.63 15.79
N PHE B 119 18.21 -23.87 16.25
CA PHE B 119 17.28 -24.36 17.25
C PHE B 119 17.71 -23.75 18.55
N GLU B 120 16.76 -23.33 19.37
CA GLU B 120 17.17 -22.63 20.60
C GLU B 120 17.92 -23.57 21.55
N LYS B 121 17.59 -24.86 21.49
CA LYS B 121 18.35 -25.92 22.18
C LYS B 121 18.53 -27.08 21.22
N ALA B 122 19.56 -27.88 21.44
CA ALA B 122 19.74 -29.12 20.66
C ALA B 122 18.45 -29.93 20.59
N ILE B 123 18.20 -30.55 19.43
CA ILE B 123 17.12 -31.52 19.30
C ILE B 123 17.28 -32.57 20.41
N PRO B 124 16.27 -32.68 21.29
CA PRO B 124 16.33 -33.60 22.41
C PRO B 124 16.03 -35.03 21.98
N THR B 125 16.44 -35.99 22.80
CA THR B 125 15.88 -37.33 22.71
C THR B 125 14.44 -37.30 23.27
N LEU B 126 13.57 -38.14 22.73
CA LEU B 126 12.21 -38.26 23.27
C LEU B 126 11.91 -39.70 23.69
N ALA B 127 11.29 -39.84 24.86
CA ALA B 127 10.87 -41.15 25.34
C ALA B 127 9.67 -41.66 24.52
N ALA C 7 -19.36 -25.26 16.31
CA ALA C 7 -19.15 -23.77 16.21
C ALA C 7 -20.45 -22.94 16.11
N THR C 8 -20.55 -21.99 17.03
CA THR C 8 -21.59 -20.98 17.03
C THR C 8 -20.95 -19.70 16.47
N SER C 9 -21.66 -18.97 15.63
CA SER C 9 -21.07 -17.75 15.09
C SER C 9 -22.15 -16.80 14.72
N GLN C 10 -21.81 -15.51 14.71
CA GLN C 10 -22.75 -14.51 14.25
C GLN C 10 -21.95 -13.28 13.84
N PRO C 11 -22.57 -12.40 13.05
CA PRO C 11 -21.86 -11.18 12.69
C PRO C 11 -21.57 -10.32 13.91
N ILE C 12 -20.48 -9.58 13.85
CA ILE C 12 -20.27 -8.56 14.85
C ILE C 12 -19.82 -7.29 14.13
N ASN C 13 -20.48 -6.18 14.46
CA ASN C 13 -20.16 -4.94 13.76
C ASN C 13 -19.05 -4.25 14.52
N PHE C 14 -18.21 -3.53 13.79
CA PHE C 14 -17.08 -2.83 14.39
C PHE C 14 -16.70 -1.62 13.53
N GLN C 15 -15.91 -0.72 14.11
CA GLN C 15 -15.33 0.38 13.34
C GLN C 15 -13.94 0.61 13.90
N VAL C 16 -12.93 0.65 13.03
CA VAL C 16 -11.62 1.02 13.51
C VAL C 16 -11.59 2.52 13.62
N GLN C 17 -11.10 3.01 14.76
CA GLN C 17 -11.03 4.46 15.00
C GLN C 17 -9.59 4.94 15.19
N LYS C 18 -9.36 6.19 14.82
CA LYS C 18 -8.02 6.79 14.88
C LYS C 18 -7.51 6.87 16.35
N ASP C 19 -6.22 6.68 16.57
CA ASP C 19 -5.70 6.84 17.94
C ASP C 19 -6.08 8.23 18.55
N GLY C 20 -6.69 8.23 19.74
CA GLY C 20 -7.07 9.46 20.44
C GLY C 20 -8.39 10.09 20.02
N SER C 21 -9.17 9.39 19.18
CA SER C 21 -10.33 9.98 18.52
C SER C 21 -11.40 8.90 18.31
N SER C 22 -12.65 9.30 18.15
CA SER C 22 -13.71 8.36 17.84
C SER C 22 -14.00 8.42 16.33
N GLU C 23 -13.29 9.31 15.65
CA GLU C 23 -13.25 9.42 14.18
C GLU C 23 -12.90 8.08 13.56
N LYS C 24 -13.60 7.71 12.49
CA LYS C 24 -13.25 6.52 11.69
C LYS C 24 -11.79 6.59 11.25
N SER C 25 -11.07 5.50 11.43
CA SER C 25 -9.67 5.41 10.98
C SER C 25 -9.60 5.13 9.51
N HIS C 26 -8.57 5.66 8.89
CA HIS C 26 -8.19 5.28 7.52
C HIS C 26 -8.11 3.73 7.44
N MSE C 27 -7.72 3.07 8.53
CA MSE C 27 -7.61 1.61 8.54
C MSE C 27 -8.97 0.90 8.35
O MSE C 27 -9.02 -0.24 7.83
CB MSE C 27 -6.98 1.13 9.86
CG MSE C 27 -6.96 -0.39 10.02
SE MSE C 27 -5.80 -0.81 11.53
CE MSE C 27 -6.45 -2.56 11.93
N ASP C 28 -10.05 1.53 8.79
CA ASP C 28 -11.37 0.88 8.75
C ASP C 28 -11.74 0.51 7.33
N ASP C 29 -11.36 1.36 6.37
CA ASP C 29 -11.66 1.11 4.98
C ASP C 29 -10.98 -0.15 4.41
N TYR C 30 -9.96 -0.66 5.10
CA TYR C 30 -9.21 -1.80 4.60
C TYR C 30 -9.57 -3.13 5.27
N MSE C 31 -10.66 -3.13 6.03
CA MSE C 31 -11.18 -4.35 6.62
C MSE C 31 -12.64 -4.48 6.18
O MSE C 31 -13.32 -3.49 5.97
CB MSE C 31 -11.08 -4.27 8.13
CG MSE C 31 -9.67 -4.01 8.62
SE MSE C 31 -9.59 -3.89 10.55
CE MSE C 31 -9.58 -5.78 10.98
N GLN C 32 -13.08 -5.71 5.99
CA GLN C 32 -14.43 -5.94 5.53
C GLN C 32 -15.39 -5.83 6.72
N HIS C 33 -16.65 -5.45 6.46
CA HIS C 33 -17.66 -5.36 7.53
C HIS C 33 -18.94 -6.11 7.11
N PRO C 34 -19.63 -6.76 8.07
CA PRO C 34 -19.28 -6.89 9.47
C PRO C 34 -18.19 -7.96 9.63
N GLY C 35 -17.65 -8.08 10.84
CA GLY C 35 -16.76 -9.17 11.19
C GLY C 35 -17.64 -10.30 11.65
N LYS C 36 -17.02 -11.35 12.18
CA LYS C 36 -17.77 -12.46 12.73
C LYS C 36 -17.21 -12.79 14.10
N VAL C 37 -18.07 -13.15 15.06
CA VAL C 37 -17.61 -13.79 16.28
C VAL C 37 -17.89 -15.29 16.23
N ILE C 38 -16.89 -16.08 16.60
CA ILE C 38 -16.98 -17.54 16.54
C ILE C 38 -16.63 -18.06 17.91
N LYS C 39 -17.42 -19.00 18.42
CA LYS C 39 -17.04 -19.77 19.58
C LYS C 39 -16.88 -21.24 19.18
N GLN C 40 -15.72 -21.80 19.46
CA GLN C 40 -15.41 -23.16 19.06
C GLN C 40 -14.45 -23.74 20.09
N ASN C 41 -14.80 -24.91 20.63
CA ASN C 41 -14.01 -25.59 21.65
C ASN C 41 -13.58 -24.66 22.80
N ASN C 42 -14.55 -23.93 23.34
CA ASN C 42 -14.35 -23.06 24.49
C ASN C 42 -13.35 -21.93 24.28
N LYS C 43 -13.19 -21.54 23.03
CA LYS C 43 -12.39 -20.38 22.67
C LYS C 43 -13.24 -19.50 21.76
N TYR C 44 -13.08 -18.18 21.87
CA TYR C 44 -13.83 -17.26 21.02
C TYR C 44 -12.84 -16.57 20.11
N TYR C 45 -13.29 -16.24 18.90
CA TYR C 45 -12.48 -15.50 17.91
C TYR C 45 -13.27 -14.41 17.25
N PHE C 46 -12.59 -13.32 16.98
CA PHE C 46 -13.08 -12.30 16.09
C PHE C 46 -12.46 -12.64 14.74
N GLN C 47 -13.31 -12.99 13.78
CA GLN C 47 -12.83 -13.29 12.44
C GLN C 47 -13.05 -12.10 11.54
N THR C 48 -12.01 -11.69 10.86
CA THR C 48 -12.05 -10.46 10.08
C THR C 48 -11.24 -10.62 8.81
N VAL C 49 -11.59 -9.85 7.78
CA VAL C 49 -10.93 -9.98 6.50
C VAL C 49 -10.16 -8.69 6.20
N LEU C 50 -8.86 -8.83 5.94
CA LEU C 50 -8.05 -7.67 5.61
C LEU C 50 -8.05 -7.53 4.11
N ASN C 51 -8.41 -6.35 3.60
CA ASN C 51 -8.37 -6.07 2.17
C ASN C 51 -7.00 -5.50 1.86
N ASN C 52 -6.56 -5.68 0.63
CA ASN C 52 -5.21 -5.26 0.22
C ASN C 52 -4.20 -5.85 1.22
N ALA C 53 -4.33 -7.13 1.50
CA ALA C 53 -3.57 -7.80 2.55
C ALA C 53 -2.07 -7.65 2.38
N SER C 54 -1.63 -7.56 1.12
CA SER C 54 -0.20 -7.37 0.75
C SER C 54 0.41 -6.13 1.41
N PHE C 55 -0.41 -5.11 1.62
CA PHE C 55 0.04 -3.84 2.25
C PHE C 55 0.32 -4.00 3.75
N TRP C 56 -0.23 -5.04 4.36
CA TRP C 56 -0.13 -5.17 5.83
C TRP C 56 1.11 -5.98 6.14
N LYS C 57 2.26 -5.29 6.26
CA LYS C 57 3.54 -5.97 6.51
C LYS C 57 3.52 -6.66 7.86
N GLU C 58 3.03 -5.95 8.88
CA GLU C 58 2.86 -6.52 10.19
C GLU C 58 1.56 -6.03 10.85
N TYR C 59 0.91 -6.91 11.61
CA TYR C 59 -0.23 -6.50 12.44
C TYR C 59 -0.20 -7.24 13.74
N LYS C 60 -0.42 -6.51 14.83
CA LYS C 60 -0.61 -7.12 16.14
C LYS C 60 -1.88 -6.57 16.77
N PHE C 61 -2.60 -7.42 17.48
CA PHE C 61 -3.84 -7.05 18.14
C PHE C 61 -3.66 -7.25 19.63
N TYR C 62 -4.26 -6.35 20.40
CA TYR C 62 -4.15 -6.36 21.87
C TYR C 62 -5.53 -6.17 22.43
N ASN C 63 -5.80 -6.74 23.61
CA ASN C 63 -7.01 -6.37 24.33
C ASN C 63 -6.80 -5.00 24.97
N ALA C 64 -7.81 -4.49 25.66
CA ALA C 64 -7.71 -3.13 26.24
C ALA C 64 -6.76 -3.05 27.46
N ASN C 65 -6.25 -4.21 27.91
CA ASN C 65 -5.23 -4.34 28.96
C ASN C 65 -3.81 -4.37 28.37
N ASN C 66 -3.72 -4.28 27.05
CA ASN C 66 -2.46 -4.31 26.31
C ASN C 66 -1.77 -5.66 26.26
N GLN C 67 -2.55 -6.74 26.37
CA GLN C 67 -2.01 -8.08 26.16
C GLN C 67 -2.19 -8.48 24.70
N GLU C 68 -1.12 -8.98 24.09
CA GLU C 68 -1.18 -9.34 22.69
C GLU C 68 -2.08 -10.55 22.55
N LEU C 69 -2.89 -10.53 21.51
CA LEU C 69 -3.84 -11.57 21.23
C LEU C 69 -3.36 -12.40 20.08
N ALA C 70 -3.47 -13.73 20.21
CA ALA C 70 -3.03 -14.63 19.15
C ALA C 70 -3.86 -14.41 17.88
N THR C 71 -3.18 -14.35 16.76
CA THR C 71 -3.89 -14.34 15.48
C THR C 71 -3.48 -15.55 14.68
N THR C 72 -4.42 -16.02 13.85
CA THR C 72 -4.22 -17.17 13.02
C THR C 72 -4.77 -16.85 11.63
N VAL C 73 -4.02 -17.24 10.60
CA VAL C 73 -4.50 -17.08 9.23
C VAL C 73 -5.42 -18.23 8.82
N VAL C 74 -6.68 -17.91 8.51
CA VAL C 74 -7.62 -18.95 8.04
C VAL C 74 -7.74 -19.02 6.51
N ASN C 75 -7.54 -17.88 5.85
CA ASN C 75 -7.58 -17.81 4.39
C ASN C 75 -6.57 -16.78 3.93
N ASP C 76 -5.67 -17.17 3.01
CA ASP C 76 -4.69 -16.23 2.46
C ASP C 76 -4.99 -16.24 0.97
N ASN C 77 -5.77 -15.26 0.53
CA ASN C 77 -6.31 -15.24 -0.83
C ASN C 77 -5.50 -14.28 -1.71
N LYS C 78 -4.46 -14.80 -2.34
CA LYS C 78 -3.57 -13.99 -3.16
C LYS C 78 -4.23 -13.37 -4.41
N LYS C 79 -5.19 -14.07 -5.02
CA LYS C 79 -5.90 -13.52 -6.18
C LYS C 79 -6.63 -12.24 -5.79
N ALA C 80 -7.44 -12.34 -4.74
CA ALA C 80 -8.25 -11.22 -4.25
C ALA C 80 -7.45 -10.22 -3.41
N ASP C 81 -6.22 -10.60 -3.06
CA ASP C 81 -5.36 -9.91 -2.10
C ASP C 81 -6.10 -9.65 -0.79
N THR C 82 -6.64 -10.72 -0.19
CA THR C 82 -7.30 -10.60 1.11
C THR C 82 -6.72 -11.66 2.04
N ARG C 83 -6.90 -11.44 3.33
CA ARG C 83 -6.46 -12.38 4.32
C ARG C 83 -7.53 -12.38 5.38
N THR C 84 -8.05 -13.58 5.66
CA THR C 84 -9.04 -13.79 6.73
C THR C 84 -8.26 -14.30 7.91
N ILE C 85 -8.38 -13.59 9.03
CA ILE C 85 -7.68 -13.99 10.24
C ILE C 85 -8.65 -14.20 11.38
N ASN C 86 -8.27 -15.08 12.29
CA ASN C 86 -8.96 -15.15 13.57
C ASN C 86 -8.13 -14.46 14.63
N VAL C 87 -8.75 -13.56 15.39
CA VAL C 87 -8.11 -12.91 16.53
C VAL C 87 -8.72 -13.50 17.82
N ALA C 88 -7.89 -14.03 18.70
CA ALA C 88 -8.42 -14.61 19.95
C ALA C 88 -9.04 -13.51 20.80
N VAL C 89 -10.25 -13.73 21.28
CA VAL C 89 -10.94 -12.71 22.08
C VAL C 89 -11.62 -13.39 23.25
N GLU C 90 -12.24 -12.61 24.13
CA GLU C 90 -13.06 -13.18 25.21
C GLU C 90 -14.37 -12.41 25.32
N PRO C 91 -15.43 -13.06 25.83
CA PRO C 91 -16.66 -12.32 26.08
C PRO C 91 -16.39 -11.05 26.89
N GLY C 92 -17.04 -9.97 26.53
CA GLY C 92 -16.85 -8.72 27.27
C GLY C 92 -15.90 -7.73 26.60
N TYR C 93 -15.02 -8.19 25.72
CA TYR C 93 -14.08 -7.26 25.05
C TYR C 93 -14.89 -6.25 24.29
N LYS C 94 -14.58 -4.96 24.45
CA LYS C 94 -15.35 -3.91 23.75
C LYS C 94 -14.53 -3.28 22.63
N SER C 95 -13.22 -3.38 22.76
CA SER C 95 -12.34 -2.91 21.74
C SER C 95 -11.05 -3.73 21.73
N LEU C 96 -10.34 -3.64 20.62
CA LEU C 96 -8.98 -4.14 20.50
C LEU C 96 -8.10 -2.93 20.13
N THR C 97 -6.84 -2.97 20.53
CA THR C 97 -5.84 -2.02 20.07
C THR C 97 -5.07 -2.74 19.01
N THR C 98 -4.81 -2.04 17.91
CA THR C 98 -4.01 -2.61 16.87
C THR C 98 -2.74 -1.81 16.67
N LYS C 99 -1.66 -2.53 16.35
CA LYS C 99 -0.42 -1.90 15.97
C LYS C 99 0.00 -2.51 14.66
N VAL C 100 0.12 -1.66 13.64
CA VAL C 100 0.33 -2.15 12.29
C VAL C 100 1.54 -1.52 11.63
N HIS C 101 2.15 -2.28 10.73
CA HIS C 101 3.20 -1.76 9.88
C HIS C 101 2.71 -1.90 8.46
N ILE C 102 2.44 -0.75 7.83
CA ILE C 102 1.83 -0.71 6.49
C ILE C 102 2.88 -0.31 5.48
N VAL C 103 3.14 -1.18 4.51
CA VAL C 103 4.17 -0.90 3.51
C VAL C 103 3.53 -1.12 2.18
N VAL C 104 3.49 -0.05 1.38
CA VAL C 104 3.02 -0.15 0.02
C VAL C 104 4.18 0.27 -0.88
N PRO C 105 5.01 -0.73 -1.30
CA PRO C 105 6.25 -0.41 -2.03
C PRO C 105 5.97 0.37 -3.32
N GLN C 106 4.81 0.09 -3.94
CA GLN C 106 4.37 0.72 -5.21
C GLN C 106 4.39 2.26 -5.19
N ILE C 107 4.15 2.84 -4.02
CA ILE C 107 4.18 4.29 -3.87
C ILE C 107 5.15 4.73 -2.77
N ASN C 108 6.02 3.82 -2.37
CA ASN C 108 7.05 4.13 -1.38
C ASN C 108 6.43 4.58 -0.06
N TYR C 109 5.34 3.91 0.34
CA TYR C 109 4.63 4.24 1.57
C TYR C 109 5.09 3.24 2.62
N ASN C 110 5.49 3.74 3.79
CA ASN C 110 6.00 2.86 4.85
C ASN C 110 5.77 3.54 6.20
N HIS C 111 4.73 3.11 6.90
CA HIS C 111 4.37 3.74 8.18
C HIS C 111 3.94 2.73 9.21
N ARG C 112 4.07 3.10 10.48
CA ARG C 112 3.55 2.29 11.60
C ARG C 112 2.51 3.11 12.35
N TYR C 113 1.41 2.46 12.70
CA TYR C 113 0.31 3.16 13.34
C TYR C 113 -0.24 2.34 14.48
N THR C 114 -0.93 3.02 15.39
CA THR C 114 -1.75 2.40 16.45
C THR C 114 -3.20 2.85 16.20
N THR C 115 -4.16 1.94 16.28
CA THR C 115 -5.56 2.33 16.18
C THR C 115 -6.35 1.56 17.24
N HIS C 116 -7.62 1.90 17.40
CA HIS C 116 -8.51 1.14 18.27
C HIS C 116 -9.72 0.65 17.51
N LEU C 117 -9.87 -0.66 17.54
CA LEU C 117 -10.98 -1.32 16.84
C LEU C 117 -12.14 -1.43 17.85
N GLU C 118 -13.23 -0.72 17.58
CA GLU C 118 -14.36 -0.66 18.50
C GLU C 118 -15.48 -1.56 18.05
N PHE C 119 -15.80 -2.57 18.86
CA PHE C 119 -16.96 -3.42 18.56
C PHE C 119 -18.22 -2.63 18.91
N GLU C 120 -19.28 -2.73 18.12
CA GLU C 120 -20.47 -1.94 18.44
C GLU C 120 -21.12 -2.39 19.75
N LYS C 121 -21.04 -3.70 20.02
CA LYS C 121 -21.48 -4.30 21.28
C LYS C 121 -20.35 -5.23 21.75
N ALA C 122 -20.14 -5.32 23.05
CA ALA C 122 -19.11 -6.20 23.60
C ALA C 122 -19.24 -7.64 23.03
N ILE C 123 -18.11 -8.34 22.91
CA ILE C 123 -18.13 -9.73 22.46
C ILE C 123 -19.12 -10.45 23.38
N PRO C 124 -20.15 -11.12 22.80
CA PRO C 124 -21.17 -11.81 23.59
C PRO C 124 -20.69 -13.15 24.17
N THR C 125 -21.34 -13.60 25.24
CA THR C 125 -21.31 -15.00 25.65
C THR C 125 -22.18 -15.76 24.63
N LEU C 126 -21.62 -16.79 24.03
CA LEU C 126 -22.33 -17.64 23.09
C LEU C 126 -22.50 -19.05 23.67
N ALA C 127 -23.57 -19.73 23.25
CA ALA C 127 -23.80 -21.08 23.71
C ALA C 127 -22.69 -21.96 23.19
N SER D 5 -5.08 42.73 -1.86
CA SER D 5 -4.84 43.54 -0.62
C SER D 5 -6.15 43.84 0.10
N GLN D 6 -7.24 43.92 -0.66
CA GLN D 6 -8.55 44.28 -0.10
C GLN D 6 -9.37 43.07 0.39
N ALA D 7 -8.77 41.88 0.36
CA ALA D 7 -9.47 40.63 0.74
C ALA D 7 -9.45 40.36 2.24
N THR D 8 -10.53 39.74 2.74
CA THR D 8 -10.62 39.27 4.11
C THR D 8 -10.70 37.76 4.05
N SER D 9 -9.96 37.09 4.93
CA SER D 9 -9.97 35.63 4.98
C SER D 9 -9.86 35.12 6.39
N GLN D 10 -10.40 33.93 6.61
CA GLN D 10 -10.32 33.30 7.91
C GLN D 10 -10.44 31.80 7.76
N PRO D 11 -9.86 31.05 8.71
CA PRO D 11 -9.93 29.59 8.67
C PRO D 11 -11.38 29.14 8.80
N ILE D 12 -11.70 28.01 8.19
CA ILE D 12 -12.98 27.40 8.44
C ILE D 12 -12.74 25.89 8.50
N ASN D 13 -13.24 25.27 9.56
CA ASN D 13 -13.10 23.84 9.72
C ASN D 13 -14.13 23.08 8.92
N PHE D 14 -13.76 21.87 8.53
CA PHE D 14 -14.65 21.05 7.71
C PHE D 14 -14.28 19.57 7.83
N GLN D 15 -15.23 18.73 7.46
CA GLN D 15 -14.95 17.33 7.31
C GLN D 15 -15.72 16.81 6.11
N VAL D 16 -15.01 16.06 5.27
CA VAL D 16 -15.64 15.38 4.16
C VAL D 16 -16.18 14.07 4.72
N GLN D 17 -17.46 13.78 4.40
CA GLN D 17 -18.14 12.65 4.96
C GLN D 17 -18.65 11.76 3.84
N LYS D 18 -18.78 10.48 4.15
CA LYS D 18 -19.19 9.49 3.17
C LYS D 18 -20.64 9.75 2.73
N ASP D 19 -20.93 9.48 1.46
CA ASP D 19 -22.28 9.63 0.92
C ASP D 19 -23.26 8.84 1.75
N GLY D 20 -24.31 9.47 2.25
CA GLY D 20 -25.33 8.76 3.02
C GLY D 20 -25.00 8.55 4.49
N SER D 21 -23.93 9.17 4.96
CA SER D 21 -23.38 8.86 6.26
C SER D 21 -22.73 10.12 6.85
N SER D 22 -22.71 10.24 8.17
CA SER D 22 -21.94 11.32 8.79
C SER D 22 -20.52 10.85 9.17
N GLU D 23 -20.17 9.61 8.82
CA GLU D 23 -18.82 9.12 9.10
C GLU D 23 -17.82 9.81 8.18
N LYS D 24 -16.63 10.04 8.72
CA LYS D 24 -15.56 10.61 7.94
C LYS D 24 -15.32 9.81 6.67
N SER D 25 -15.28 10.50 5.54
CA SER D 25 -14.90 9.91 4.27
C SER D 25 -13.40 9.67 4.18
N HIS D 26 -13.05 8.64 3.41
CA HIS D 26 -11.66 8.38 3.00
C HIS D 26 -11.06 9.63 2.36
N MSE D 27 -11.87 10.39 1.64
CA MSE D 27 -11.40 11.62 0.99
C MSE D 27 -10.88 12.67 1.97
O MSE D 27 -10.02 13.50 1.62
CB MSE D 27 -12.54 12.24 0.17
CG MSE D 27 -12.24 13.63 -0.39
SE MSE D 27 -13.64 14.02 -1.71
CE MSE D 27 -13.50 15.92 -1.81
N ASP D 28 -11.42 12.68 3.19
CA ASP D 28 -11.04 13.72 4.15
C ASP D 28 -9.55 13.68 4.44
N ASP D 29 -8.97 12.47 4.44
CA ASP D 29 -7.53 12.28 4.71
C ASP D 29 -6.61 12.87 3.67
N TYR D 30 -7.17 13.26 2.51
CA TYR D 30 -6.39 13.78 1.41
C TYR D 30 -6.58 15.29 1.20
N MSE D 31 -7.16 15.96 2.19
CA MSE D 31 -7.29 17.41 2.16
C MSE D 31 -6.66 18.00 3.40
O MSE D 31 -6.74 17.42 4.49
CB MSE D 31 -8.76 17.81 1.99
CG MSE D 31 -9.37 17.27 0.71
SE MSE D 31 -11.26 17.70 0.64
CE MSE D 31 -11.13 19.48 -0.02
N GLN D 32 -6.02 19.15 3.26
CA GLN D 32 -5.52 19.85 4.45
C GLN D 32 -6.65 20.44 5.29
N HIS D 33 -6.45 20.51 6.60
CA HIS D 33 -7.39 21.15 7.51
C HIS D 33 -6.65 22.16 8.38
N PRO D 34 -7.30 23.27 8.74
CA PRO D 34 -8.63 23.70 8.27
C PRO D 34 -8.54 24.28 6.87
N GLY D 35 -9.70 24.63 6.31
CA GLY D 35 -9.73 25.34 5.04
C GLY D 35 -9.78 26.83 5.35
N LYS D 36 -10.06 27.63 4.33
CA LYS D 36 -10.10 29.04 4.51
C LYS D 36 -11.37 29.55 3.81
N VAL D 37 -11.99 30.59 4.36
CA VAL D 37 -13.01 31.34 3.65
C VAL D 37 -12.42 32.71 3.33
N ILE D 38 -12.56 33.10 2.07
CA ILE D 38 -11.99 34.35 1.56
C ILE D 38 -13.13 35.18 0.95
N LYS D 39 -13.13 36.49 1.20
CA LYS D 39 -14.03 37.40 0.52
C LYS D 39 -13.15 38.42 -0.20
N GLN D 40 -13.25 38.43 -1.51
CA GLN D 40 -12.45 39.30 -2.37
C GLN D 40 -13.37 39.87 -3.42
N ASN D 41 -13.45 41.19 -3.48
CA ASN D 41 -14.28 41.85 -4.50
C ASN D 41 -15.73 41.33 -4.53
N ASN D 42 -16.34 41.25 -3.35
CA ASN D 42 -17.75 40.85 -3.22
C ASN D 42 -18.10 39.42 -3.68
N LYS D 43 -17.09 38.57 -3.72
CA LYS D 43 -17.29 37.14 -3.92
C LYS D 43 -16.62 36.35 -2.81
N TYR D 44 -17.23 35.24 -2.42
CA TYR D 44 -16.70 34.37 -1.38
C TYR D 44 -16.17 33.06 -1.97
N TYR D 45 -15.08 32.58 -1.39
CA TYR D 45 -14.49 31.31 -1.78
C TYR D 45 -14.17 30.48 -0.55
N PHE D 46 -14.34 29.18 -0.69
CA PHE D 46 -13.77 28.21 0.22
C PHE D 46 -12.46 27.79 -0.44
N GLN D 47 -11.34 28.07 0.20
CA GLN D 47 -10.03 27.72 -0.30
C GLN D 47 -9.56 26.48 0.45
N THR D 48 -9.14 25.49 -0.30
CA THR D 48 -8.79 24.22 0.29
C THR D 48 -7.58 23.66 -0.46
N VAL D 49 -6.80 22.83 0.23
CA VAL D 49 -5.61 22.24 -0.38
C VAL D 49 -5.74 20.73 -0.51
N LEU D 50 -5.65 20.24 -1.74
CA LEU D 50 -5.73 18.82 -2.01
C LEU D 50 -4.32 18.26 -1.85
N ASN D 51 -4.19 17.26 -0.98
CA ASN D 51 -2.92 16.52 -0.81
C ASN D 51 -2.80 15.41 -1.84
N ASN D 52 -1.56 15.03 -2.21
CA ASN D 52 -1.39 14.02 -3.27
C ASN D 52 -2.19 14.41 -4.50
N ALA D 53 -2.05 15.68 -4.90
CA ALA D 53 -2.83 16.27 -5.97
C ALA D 53 -2.82 15.50 -7.28
N SER D 54 -1.70 14.83 -7.58
CA SER D 54 -1.65 14.04 -8.81
C SER D 54 -2.64 12.85 -8.80
N PHE D 55 -3.09 12.42 -7.62
CA PHE D 55 -4.13 11.36 -7.56
C PHE D 55 -5.52 11.88 -7.99
N TRP D 56 -5.74 13.18 -7.91
CA TRP D 56 -7.09 13.73 -8.15
C TRP D 56 -7.32 14.06 -9.64
N LYS D 57 -7.82 13.09 -10.41
CA LYS D 57 -7.99 13.29 -11.85
C LYS D 57 -9.04 14.36 -12.16
N GLU D 58 -10.16 14.32 -11.43
CA GLU D 58 -11.25 15.26 -11.69
C GLU D 58 -11.97 15.50 -10.36
N TYR D 59 -12.41 16.74 -10.16
CA TYR D 59 -13.21 17.08 -8.97
C TYR D 59 -14.24 18.14 -9.35
N LYS D 60 -15.44 17.99 -8.82
CA LYS D 60 -16.50 18.96 -9.01
C LYS D 60 -17.17 19.14 -7.69
N PHE D 61 -17.56 20.38 -7.43
CA PHE D 61 -18.21 20.80 -6.20
C PHE D 61 -19.56 21.39 -6.57
N TYR D 62 -20.55 21.14 -5.71
CA TYR D 62 -21.93 21.59 -5.88
C TYR D 62 -22.43 22.08 -4.57
N ASN D 63 -23.35 23.04 -4.61
CA ASN D 63 -24.04 23.44 -3.41
C ASN D 63 -25.20 22.49 -3.10
N ALA D 64 -25.87 22.73 -1.97
CA ALA D 64 -26.98 21.87 -1.53
C ALA D 64 -28.20 21.94 -2.47
N ASN D 65 -28.19 22.88 -3.39
CA ASN D 65 -29.25 23.02 -4.41
C ASN D 65 -28.84 22.30 -5.69
N ASN D 66 -27.76 21.51 -5.59
CA ASN D 66 -27.24 20.73 -6.72
C ASN D 66 -26.75 21.60 -7.86
N GLN D 67 -26.36 22.84 -7.55
CA GLN D 67 -25.78 23.73 -8.57
C GLN D 67 -24.27 23.59 -8.54
N GLU D 68 -23.66 23.40 -9.71
CA GLU D 68 -22.19 23.30 -9.76
C GLU D 68 -21.53 24.65 -9.43
N LEU D 69 -20.44 24.58 -8.67
CA LEU D 69 -19.75 25.77 -8.16
C LEU D 69 -18.43 25.94 -8.91
N ALA D 70 -18.13 27.17 -9.33
CA ALA D 70 -16.88 27.44 -10.03
C ALA D 70 -15.68 27.16 -9.15
N THR D 71 -14.72 26.43 -9.68
CA THR D 71 -13.47 26.20 -8.96
C THR D 71 -12.30 26.74 -9.79
N THR D 72 -11.33 27.30 -9.09
CA THR D 72 -10.18 27.92 -9.71
C THR D 72 -8.94 27.38 -9.00
N VAL D 73 -7.88 27.11 -9.77
CA VAL D 73 -6.58 26.72 -9.21
C VAL D 73 -5.82 27.96 -8.76
N VAL D 74 -5.49 28.01 -7.47
CA VAL D 74 -4.70 29.09 -6.88
C VAL D 74 -3.22 28.75 -6.99
N ASN D 75 -2.86 27.49 -6.74
CA ASN D 75 -1.47 27.07 -6.76
C ASN D 75 -1.30 25.55 -6.98
N ASP D 76 -0.37 25.16 -7.85
CA ASP D 76 0.22 23.81 -7.81
C ASP D 76 1.61 23.86 -7.15
N ASN D 77 1.79 23.07 -6.10
CA ASN D 77 3.05 23.06 -5.38
C ASN D 77 3.69 21.67 -5.51
N LYS D 78 4.72 21.53 -6.34
CA LYS D 78 5.29 20.21 -6.60
C LYS D 78 6.21 19.68 -5.49
N LYS D 79 6.82 20.58 -4.71
CA LYS D 79 7.66 20.16 -3.58
C LYS D 79 6.79 19.45 -2.52
N ALA D 80 5.48 19.67 -2.61
CA ALA D 80 4.57 19.00 -1.71
C ALA D 80 3.60 18.03 -2.42
N ASP D 81 3.51 18.11 -3.75
CA ASP D 81 2.45 17.48 -4.56
C ASP D 81 1.07 17.89 -4.04
N THR D 82 0.85 19.20 -3.91
CA THR D 82 -0.43 19.74 -3.44
C THR D 82 -1.04 20.65 -4.51
N ARG D 83 -2.35 20.85 -4.43
CA ARG D 83 -3.02 21.81 -5.29
C ARG D 83 -3.98 22.62 -4.42
N THR D 84 -3.84 23.94 -4.43
CA THR D 84 -4.75 24.83 -3.71
C THR D 84 -5.82 25.33 -4.67
N ILE D 85 -7.09 25.19 -4.27
CA ILE D 85 -8.20 25.57 -5.14
C ILE D 85 -9.16 26.49 -4.41
N ASN D 86 -9.83 27.36 -5.16
CA ASN D 86 -10.90 28.18 -4.62
C ASN D 86 -12.21 27.64 -5.11
N VAL D 87 -13.18 27.50 -4.22
CA VAL D 87 -14.51 27.04 -4.64
C VAL D 87 -15.48 28.16 -4.33
N ALA D 88 -16.22 28.61 -5.36
CA ALA D 88 -17.23 29.64 -5.20
C ALA D 88 -18.31 29.23 -4.20
N VAL D 89 -18.51 30.04 -3.17
CA VAL D 89 -19.53 29.78 -2.18
C VAL D 89 -20.29 31.07 -1.90
N GLU D 90 -21.30 30.98 -1.04
CA GLU D 90 -22.01 32.17 -0.61
C GLU D 90 -22.23 32.05 0.86
N PRO D 91 -22.36 33.18 1.56
CA PRO D 91 -22.71 33.11 2.98
C PRO D 91 -23.98 32.27 3.24
N GLY D 92 -23.92 31.43 4.27
CA GLY D 92 -25.02 30.52 4.58
C GLY D 92 -24.82 29.09 4.14
N TYR D 93 -23.90 28.84 3.19
CA TYR D 93 -23.62 27.46 2.76
C TYR D 93 -23.11 26.67 3.95
N LYS D 94 -23.67 25.49 4.16
CA LYS D 94 -23.25 24.65 5.28
C LYS D 94 -22.55 23.39 4.82
N SER D 95 -22.79 23.03 3.57
CA SER D 95 -22.11 21.88 3.00
C SER D 95 -21.97 22.03 1.49
N LEU D 96 -21.05 21.23 0.92
CA LEU D 96 -20.85 21.07 -0.52
C LEU D 96 -20.98 19.60 -0.84
N THR D 97 -21.57 19.27 -2.00
CA THR D 97 -21.48 17.92 -2.54
C THR D 97 -20.26 17.90 -3.45
N THR D 98 -19.50 16.82 -3.41
CA THR D 98 -18.35 16.72 -4.30
C THR D 98 -18.49 15.46 -5.12
N LYS D 99 -18.01 15.54 -6.36
CA LYS D 99 -17.92 14.38 -7.23
C LYS D 99 -16.49 14.31 -7.75
N VAL D 100 -15.82 13.21 -7.44
CA VAL D 100 -14.41 13.07 -7.73
C VAL D 100 -14.09 11.83 -8.55
N HIS D 101 -13.01 11.92 -9.33
CA HIS D 101 -12.49 10.79 -10.05
C HIS D 101 -11.03 10.65 -9.62
N ILE D 102 -10.75 9.55 -8.92
CA ILE D 102 -9.44 9.34 -8.30
C ILE D 102 -8.72 8.24 -9.04
N VAL D 103 -7.53 8.53 -9.52
CA VAL D 103 -6.75 7.55 -10.29
C VAL D 103 -5.32 7.47 -9.74
N VAL D 104 -4.93 6.27 -9.32
CA VAL D 104 -3.60 6.02 -8.81
C VAL D 104 -3.10 4.78 -9.58
N PRO D 105 -2.46 5.01 -10.74
CA PRO D 105 -2.05 3.90 -11.58
C PRO D 105 -1.04 2.93 -10.90
N GLN D 106 -0.20 3.44 -10.01
CA GLN D 106 0.83 2.63 -9.37
C GLN D 106 0.21 1.43 -8.66
N ILE D 107 -1.08 1.56 -8.26
CA ILE D 107 -1.77 0.46 -7.59
C ILE D 107 -3.08 0.05 -8.23
N ASN D 108 -3.27 0.41 -9.50
CA ASN D 108 -4.43 0.00 -10.30
C ASN D 108 -5.74 0.47 -9.65
N TYR D 109 -5.74 1.72 -9.20
CA TYR D 109 -6.92 2.29 -8.52
C TYR D 109 -7.55 3.33 -9.41
N ASN D 110 -8.83 3.16 -9.72
CA ASN D 110 -9.49 4.12 -10.60
C ASN D 110 -10.95 4.10 -10.22
N HIS D 111 -11.40 5.12 -9.52
CA HIS D 111 -12.75 5.13 -8.98
C HIS D 111 -13.34 6.51 -9.03
N ARG D 112 -14.66 6.54 -9.10
CA ARG D 112 -15.45 7.77 -9.03
C ARG D 112 -16.33 7.74 -7.81
N TYR D 113 -16.42 8.87 -7.09
CA TYR D 113 -17.18 8.89 -5.85
C TYR D 113 -17.99 10.15 -5.70
N THR D 114 -19.01 10.07 -4.84
CA THR D 114 -19.71 11.24 -4.36
C THR D 114 -19.47 11.37 -2.87
N THR D 115 -19.21 12.59 -2.39
CA THR D 115 -19.09 12.80 -0.94
C THR D 115 -19.76 14.10 -0.54
N HIS D 116 -19.90 14.33 0.76
CA HIS D 116 -20.40 15.65 1.18
C HIS D 116 -19.43 16.29 2.16
N LEU D 117 -19.04 17.51 1.82
CA LEU D 117 -18.10 18.25 2.61
C LEU D 117 -18.92 19.14 3.53
N GLU D 118 -18.78 18.89 4.83
CA GLU D 118 -19.54 19.62 5.84
C GLU D 118 -18.69 20.67 6.54
N PHE D 119 -19.08 21.95 6.39
CA PHE D 119 -18.43 23.02 7.10
C PHE D 119 -18.88 22.95 8.55
N GLU D 120 -17.95 23.24 9.45
CA GLU D 120 -18.23 23.22 10.87
C GLU D 120 -19.29 24.27 11.25
N LYS D 121 -19.29 25.39 10.54
CA LYS D 121 -20.41 26.32 10.63
C LYS D 121 -20.68 26.87 9.25
N ALA D 122 -21.85 27.44 9.04
CA ALA D 122 -22.19 28.03 7.75
C ALA D 122 -21.11 29.03 7.31
N ILE D 123 -20.90 29.18 6.02
CA ILE D 123 -20.01 30.22 5.49
C ILE D 123 -20.50 31.55 6.04
N PRO D 124 -19.61 32.33 6.67
CA PRO D 124 -20.12 33.53 7.31
C PRO D 124 -20.11 34.72 6.36
N THR D 125 -20.80 35.80 6.73
CA THR D 125 -20.61 37.10 6.13
C THR D 125 -19.29 37.64 6.68
N LEU D 126 -18.50 38.27 5.81
CA LEU D 126 -17.22 38.89 6.18
C LEU D 126 -17.20 40.34 5.73
N ALA D 127 -16.31 41.15 6.31
CA ALA D 127 -16.12 42.59 5.91
C ALA D 127 -17.43 43.42 5.86
CHA HEM E . 8.38 -5.14 -14.98
CHA HEM E . 8.29 -5.04 -15.01
CHB HEM E . 6.41 -4.83 -10.53
CHB HEM E . 9.09 -0.23 -14.98
CHC HEM E . 8.29 -0.39 -10.01
CHC HEM E . 8.19 -0.16 -10.24
CHD HEM E . 9.11 -0.35 -14.78
CHD HEM E . 6.44 -4.71 -10.49
C1A HEM E . 7.72 -5.45 -13.80
C1A HEM E . 8.59 -3.75 -15.42
C2A HEM E . 7.14 -6.74 -13.48
C2A HEM E . 8.95 -3.33 -16.75
C3A HEM E . 6.60 -6.66 -12.25
C3A HEM E . 9.16 -2.01 -16.73
C4A HEM E . 6.83 -5.32 -11.76
C4A HEM E . 8.97 -1.54 -15.39
CMA HEM E . 5.87 -7.78 -11.49
CMA HEM E . 9.56 -1.14 -17.94
CAA HEM E . 7.18 -7.98 -14.40
CAA HEM E . 9.04 -4.25 -17.99
CBA HEM E . 6.09 -7.99 -15.47
CBA HEM E . 7.63 -4.69 -18.40
CGA HEM E . 4.77 -8.27 -14.81
CGA HEM E . 6.78 -3.50 -18.78
O1A HEM E . 4.67 -9.31 -14.08
O1A HEM E . 7.23 -2.67 -19.61
O2A HEM E . 3.82 -7.48 -15.03
O2A HEM E . 5.64 -3.40 -18.23
C1B HEM E . 6.75 -3.61 -9.98
C1B HEM E . 8.95 0.23 -13.69
C2B HEM E . 6.38 -3.15 -8.65
C2B HEM E . 9.21 1.59 -13.23
C3B HEM E . 6.91 -1.91 -8.49
C3B HEM E . 8.97 1.60 -11.88
C4B HEM E . 7.61 -1.56 -9.73
C4B HEM E . 8.53 0.27 -11.50
CMB HEM E . 5.54 -3.98 -7.66
CMB HEM E . 9.68 2.74 -14.16
CAB HEM E . 6.83 -0.95 -7.28
CAB HEM E . 9.08 2.75 -10.85
CBB HEM E . 7.27 -1.22 -6.03
CBB HEM E . 9.68 3.92 -11.10
C1C HEM E . 8.60 0.06 -11.27
C1C HEM E . 7.65 -1.38 -9.89
C2C HEM E . 9.02 1.40 -11.67
C2C HEM E . 7.26 -1.80 -8.54
C3C HEM E . 9.23 1.37 -13.01
C3C HEM E . 6.79 -3.05 -8.62
C4C HEM E . 8.98 0.05 -13.47
C4C HEM E . 6.85 -3.48 -10.01
CMC HEM E . 9.15 2.57 -10.69
CMC HEM E . 7.42 -0.91 -7.30
CAC HEM E . 9.66 2.49 -13.99
CAC HEM E . 6.25 -3.94 -7.48
CBC HEM E . 9.40 3.76 -13.71
CBC HEM E . 5.66 -3.38 -6.41
C1D HEM E . 9.01 -1.61 -15.29
C1D HEM E . 6.78 -5.26 -11.71
C2D HEM E . 9.23 -1.96 -16.66
C2D HEM E . 6.45 -6.59 -12.16
C3D HEM E . 9.00 -3.45 -16.75
C3D HEM E . 7.03 -6.69 -13.58
C4D HEM E . 8.66 -3.86 -15.40
C4D HEM E . 7.65 -5.40 -13.85
CMD HEM E . 9.62 -1.01 -17.82
CMD HEM E . 5.70 -7.69 -11.40
CAD HEM E . 9.10 -4.34 -18.00
CAD HEM E . 6.98 -7.93 -14.51
CBD HEM E . 7.68 -4.59 -18.53
CBD HEM E . 5.79 -7.85 -15.47
CGD HEM E . 6.96 -3.28 -18.76
CGD HEM E . 4.54 -8.31 -14.78
O1D HEM E . 7.41 -2.48 -19.64
O1D HEM E . 3.88 -7.47 -14.12
O2D HEM E . 5.93 -3.06 -18.08
O2D HEM E . 4.22 -9.53 -14.88
NA HEM E . 7.51 -4.60 -12.73
NA HEM E . 8.62 -2.63 -14.61
NB HEM E . 7.48 -2.62 -10.61
NB HEM E . 8.55 -0.52 -12.62
NC HEM E . 8.60 -0.73 -12.40
NC HEM E . 7.38 -2.43 -10.75
ND HEM E . 8.69 -2.74 -14.57
ND HEM E . 7.47 -4.59 -12.73
FE HEM E . 8.42 -2.72 -12.52
CHA HEM F . 16.14 -10.76 1.43
CHA HEM F . 16.27 -10.97 1.27
CHB HEM F . 11.92 -8.59 0.46
CHB HEM F . 13.79 -14.98 2.41
CHC HEM F . 9.65 -12.85 0.47
CHC HEM F . 9.69 -12.94 0.80
CHD HEM F . 13.61 -14.88 2.34
CHD HEM F . 12.00 -8.66 0.83
C1A HEM F . 15.21 -9.79 1.17
C1A HEM F . 15.97 -12.24 1.71
C2A HEM F . 15.47 -8.37 1.07
C2A HEM F . 16.91 -13.20 2.24
C3A HEM F . 14.30 -7.77 0.80
C3A HEM F . 16.23 -14.31 2.54
C4A HEM F . 13.26 -8.80 0.72
C4A HEM F . 14.82 -14.09 2.23
CMA HEM F . 14.12 -6.25 0.64
CMA HEM F . 16.78 -15.63 3.13
CAA HEM F . 16.84 -7.65 1.24
CAA HEM F . 18.43 -12.94 2.37
CBA HEM F . 17.20 -7.35 2.68
CBA HEM F . 18.82 -12.13 3.61
CGA HEM F . 16.55 -6.08 3.21
CGA HEM F . 18.18 -12.69 4.86
O1A HEM F . 17.14 -4.97 3.05
O1A HEM F . 18.52 -13.84 5.27
O2A HEM F . 15.46 -6.18 3.82
O2A HEM F . 17.33 -11.97 5.45
C1B HEM F . 10.92 -9.53 0.44
C1B HEM F . 12.46 -14.83 2.03
C2B HEM F . 9.47 -9.29 0.35
C2B HEM F . 11.41 -15.82 2.07
C3B HEM F . 8.86 -10.49 0.34
C3B HEM F . 10.28 -15.25 1.60
C4B HEM F . 9.87 -11.51 0.43
C4B HEM F . 10.58 -13.86 1.30
CMB HEM F . 8.76 -7.92 0.25
CMB HEM F . 11.59 -17.29 2.54
CAB HEM F . 7.34 -10.78 0.25
CAB HEM F . 8.87 -15.88 1.43
CBB HEM F . 6.63 -10.47 -0.84
CBB HEM F . 8.70 -17.17 1.16
C1C HEM F . 10.48 -13.77 1.05
C1C HEM F . 9.96 -11.59 0.64
C2C HEM F . 10.14 -15.12 1.42
C2C HEM F . 9.04 -10.59 0.13
C3C HEM F . 11.23 -15.70 1.94
C3C HEM F . 9.67 -9.42 0.15
C4C HEM F . 12.32 -14.72 1.91
C4C HEM F . 11.03 -9.63 0.66
CMC HEM F . 8.74 -15.74 1.22
CMC HEM F . 7.58 -10.86 -0.33
CAC HEM F . 11.31 -17.15 2.49
CAC HEM F . 9.09 -8.06 -0.31
CBC HEM F . 12.51 -17.75 2.60
CBC HEM F . 9.06 -7.07 0.59
C1D HEM F . 14.68 -14.00 2.23
C1D HEM F . 13.37 -8.85 0.89
C2D HEM F . 16.05 -14.31 2.54
C2D HEM F . 14.41 -7.83 0.74
C3D HEM F . 16.84 -13.01 2.25
C3D HEM F . 15.74 -8.57 0.88
C4D HEM F . 15.86 -12.07 1.80
C4D HEM F . 15.38 -9.95 1.10
CMD HEM F . 16.58 -15.66 3.06
CMD HEM F . 14.27 -6.31 0.52
CAD HEM F . 18.36 -12.74 2.40
CAD HEM F . 17.17 -7.97 0.80
CBD HEM F . 18.68 -11.98 3.69
CBD HEM F . 17.77 -7.71 2.19
CGD HEM F . 18.09 -12.66 4.89
CGD HEM F . 17.21 -6.45 2.77
O1D HEM F . 18.38 -13.86 5.14
O1D HEM F . 16.76 -6.47 3.95
O2D HEM F . 17.34 -11.97 5.62
O2D HEM F . 17.22 -5.40 2.06
NA HEM F . 13.86 -10.02 0.95
NA HEM F . 14.72 -12.81 1.73
NB HEM F . 11.12 -10.91 0.49
NB HEM F . 11.92 -13.65 1.55
NC HEM F . 11.82 -13.56 1.34
NC HEM F . 11.15 -10.97 0.96
ND HEM F . 14.61 -12.67 1.80
ND HEM F . 14.00 -10.08 1.09
FE HEM F . 12.98 -11.92 0.78
CHA HEM G . -3.09 7.59 7.54
CHA HEM G . -3.16 7.78 7.73
CHB HEM G . -2.45 7.26 2.75
CHB HEM G . -3.90 2.99 7.95
CHC HEM G . -2.62 2.41 3.04
CHC HEM G . -3.01 2.51 3.22
CHD HEM G . -3.78 2.73 7.72
CHD HEM G . -2.79 7.34 2.87
C1A HEM G . -3.04 7.94 6.22
C1A HEM G . -3.37 6.51 8.22
C2A HEM G . -3.31 9.26 5.65
C2A HEM G . -3.53 6.15 9.62
C3A HEM G . -3.12 9.16 4.32
C3A HEM G . -3.72 4.82 9.66
C4A HEM G . -2.75 7.78 4.00
C4A HEM G . -3.70 4.32 8.31
CMA HEM G . -3.30 10.30 3.27
CMA HEM G . -3.95 3.94 10.90
CAA HEM G . -3.74 10.53 6.44
CAA HEM G . -3.42 7.11 10.84
CBA HEM G . -2.57 11.32 7.03
CBA HEM G . -4.66 7.92 11.25
CGA HEM G . -3.03 12.68 7.51
CGA HEM G . -5.89 7.07 11.31
O1A HEM G . -3.68 12.79 8.59
O1A HEM G . -5.93 6.07 12.09
O2A HEM G . -2.75 13.70 6.79
O2A HEM G . -6.85 7.41 10.58
C1B HEM G . -2.43 5.91 2.40
C1B HEM G . -3.73 2.43 6.69
C2B HEM G . -2.29 5.34 1.07
C2B HEM G . -3.88 1.03 6.34
C3B HEM G . -2.34 4.00 1.17
C3B HEM G . -3.64 0.89 5.02
C4B HEM G . -2.53 3.69 2.56
C4B HEM G . -3.32 2.21 4.52
CMB HEM G . -2.11 6.18 -0.22
CMB HEM G . -4.28 -0.08 7.35
CAB HEM G . -2.24 2.89 0.08
CAB HEM G . -3.64 -0.35 4.10
CBB HEM G . -1.76 3.10 -1.15
CBB HEM G . -3.49 -1.61 4.54
C1C HEM G . -3.03 2.08 4.30
C1C HEM G . -2.81 3.79 2.72
C2C HEM G . -3.45 0.77 4.71
C2C HEM G . -2.34 4.11 1.39
C3C HEM G . -3.78 0.83 6.00
C3C HEM G . -2.27 5.45 1.30
C4C HEM G . -3.57 2.21 6.46
C4C HEM G . -2.69 6.01 2.56
CMC HEM G . -3.50 -0.47 3.79
CMC HEM G . -1.99 3.07 0.29
CAC HEM G . -4.30 -0.40 6.80
CAC HEM G . -1.82 6.26 0.05
CBC HEM G . -4.24 -0.45 8.13
CBC HEM G . -1.14 7.41 0.14
C1D HEM G . -3.63 4.04 8.13
C1D HEM G . -2.91 7.93 4.11
C2D HEM G . -3.73 4.50 9.51
C2D HEM G . -2.96 9.35 4.36
C3D HEM G . -3.52 6.01 9.45
C3D HEM G . -3.08 9.49 5.88
C4D HEM G . -3.31 6.33 8.05
C4D HEM G . -3.08 8.14 6.40
CMD HEM G . -4.01 3.64 10.76
CMD HEM G . -2.90 10.48 3.30
CAD HEM G . -3.51 6.99 10.65
CAD HEM G . -3.16 10.82 6.68
CBD HEM G . -4.75 7.87 10.68
CBD HEM G . -1.76 11.43 6.62
CGD HEM G . -6.01 7.08 10.89
CGD HEM G . -1.81 12.90 6.95
O1D HEM G . -6.07 6.21 11.80
O1D HEM G . -1.97 13.22 8.15
O2D HEM G . -6.98 7.36 10.15
O2D HEM G . -1.70 13.72 6.00
NA HEM G . -2.70 7.09 5.19
NA HEM G . -3.48 5.37 7.45
NB HEM G . -2.58 4.85 3.30
NB HEM G . -3.40 3.10 5.56
NC HEM G . -3.12 2.94 5.39
NC HEM G . -3.01 4.96 3.41
ND HEM G . -3.38 5.15 7.32
ND HEM G . -2.98 7.25 5.33
FE HEM G . -2.79 5.04 5.42
CHA HEM H . -13.03 4.49 -0.70
CHA HEM H . -13.06 4.37 -0.67
CHB HEM H . -8.46 2.88 -0.95
CHB HEM H . -11.64 8.85 -1.96
CHC HEM H . -7.05 7.15 -2.74
CHC HEM H . -7.10 7.28 -2.57
CHD HEM H . -11.44 8.99 -1.84
CHD HEM H . -8.36 2.91 -0.94
C1A HEM H . -11.90 3.73 -0.52
C1A HEM H . -13.10 5.72 -0.99
C2A HEM H . -11.82 2.48 0.23
C2A HEM H . -14.28 6.59 -1.01
C3A HEM H . -10.55 2.04 0.15
C3A HEM H . -13.87 7.83 -1.37
C4A HEM H . -9.79 2.99 -0.63
C4A HEM H . -12.43 7.78 -1.58
CMA HEM H . -9.96 0.76 0.78
CMA HEM H . -14.74 9.10 -1.53
CAA HEM H . -12.99 1.80 0.96
CAA HEM H . -15.74 6.16 -0.70
CBA HEM H . -13.71 1.04 -0.16
CBA HEM H . -16.03 5.92 0.78
CGA HEM H . -14.27 -0.25 0.36
CGA HEM H . -15.71 7.16 1.59
O1A HEM H . -13.54 -1.27 0.31
O1A HEM H . -16.21 8.27 1.27
O2A HEM H . -15.45 -0.25 0.79
O2A HEM H . -14.94 6.99 2.57
C1B HEM H . -7.71 3.84 -1.59
C1B HEM H . -10.28 8.84 -2.19
C2B HEM H . -6.40 3.67 -2.20
C2B HEM H . -9.45 9.99 -2.49
C3B HEM H . -6.02 4.86 -2.69
C3B HEM H . -8.17 9.56 -2.65
C4B HEM H . -7.07 5.82 -2.41
C4B HEM H . -8.19 8.11 -2.47
CMB HEM H . -5.62 2.34 -2.27
CMB HEM H . -9.93 11.45 -2.56
CAB HEM H . -4.70 5.19 -3.43
CAB HEM H . -6.89 10.37 -2.98
CBB HEM H . -3.60 5.44 -2.73
CBB HEM H . -6.90 11.61 -3.47
C1C HEM H . -8.08 8.05 -2.57
C1C HEM H . -7.02 5.96 -2.20
C2C HEM H . -7.99 9.49 -2.73
C2C HEM H . -5.85 5.10 -2.26
C3C HEM H . -9.21 10.00 -2.48
C3C HEM H . -6.20 3.89 -1.81
C4C HEM H . -10.10 8.90 -2.16
C4C HEM H . -7.60 3.93 -1.46
CMC HEM H . -6.72 10.29 -3.13
CMC HEM H . -4.46 5.57 -2.76
CAC HEM H . -9.56 11.51 -2.53
CAC HEM H . -5.28 2.65 -1.69
CBC HEM H . -10.73 11.93 -2.99
CBC HEM H . -5.68 1.43 -2.10
C1D HEM H . -12.29 7.95 -1.53
C1D HEM H . -9.72 2.91 -0.70
C2D HEM H . -13.74 8.08 -1.43
C2D HEM H . -10.44 1.75 -0.24
C3D HEM H . -14.26 6.67 -1.07
C3D HEM H . -11.91 2.19 -0.15
C4D HEM H . -13.06 5.83 -1.00
C4D HEM H . -11.94 3.57 -0.57
CMD HEM H . -14.55 9.37 -1.62
CMD HEM H . -9.83 0.36 0.09
CAD HEM H . -15.74 6.24 -0.84
CAD HEM H . -13.09 1.30 0.29
CBD HEM H . -16.10 6.02 0.61
CBD HEM H . -13.51 0.44 -0.91
CGD HEM H . -15.99 7.30 1.40
CGD HEM H . -14.82 -0.25 -0.64
O1D HEM H . -16.48 8.37 0.92
O1D HEM H . -14.85 -1.51 -0.59
O2D HEM H . -15.40 7.25 2.51
O2D HEM H . -15.85 0.44 -0.46
NA HEM H . -10.65 4.00 -1.03
NA HEM H . -11.99 6.48 -1.36
NB HEM H . -8.08 5.17 -1.75
NB HEM H . -9.48 7.73 -2.18
NC HEM H . -9.38 7.73 -2.21
NC HEM H . -8.07 5.21 -1.71
ND HEM H . -11.94 6.62 -1.30
ND HEM H . -10.63 3.95 -0.89
FE HEM H . -10.07 5.80 -1.79
#